data_4K7L
#
_entry.id   4K7L
#
_cell.length_a   43.810
_cell.length_b   43.810
_cell.length_c   96.310
_cell.angle_alpha   90.00
_cell.angle_beta   90.00
_cell.angle_gamma   120.00
#
_symmetry.space_group_name_H-M   'P 31 2 1'
#
loop_
_entity.id
_entity.type
_entity.pdbx_description
1 polymer 'Ribonuclease pancreatic'
2 polymer 'Ribonuclease pancreatic'
3 non-polymer 'SULFATE ION'
4 water water
#
loop_
_entity_poly.entity_id
_entity_poly.type
_entity_poly.pdbx_seq_one_letter_code
_entity_poly.pdbx_strand_id
1 'polypeptide(L)' KETAAACFERCHMDS A
2 'polypeptide(L)'
;SSSNYCNQMMKSRNLTKDRCKPVNTFVHESLADVQAVCSQKNVACKNGQTNCYQSYSTMSITDCRETGSSKYPNCAYKTT
QANKHIIVACEGNPYVPVHFDASV
;
B
#
# COMPACT_ATOMS: atom_id res chain seq x y z
N LYS A 1 14.51 15.45 1.36
CA LYS A 1 14.12 14.08 1.69
C LYS A 1 12.61 13.89 1.70
N GLU A 2 12.16 12.78 1.10
CA GLU A 2 10.74 12.44 1.07
C GLU A 2 10.30 12.02 2.50
N THR A 3 9.20 12.55 3.00
CA THR A 3 8.73 12.18 4.34
C THR A 3 8.12 10.76 4.31
N ALA A 4 7.96 10.13 5.49
CA ALA A 4 7.31 8.82 5.56
C ALA A 4 5.85 8.91 5.05
N ALA A 5 5.14 10.02 5.35
CA ALA A 5 3.76 10.22 4.88
C ALA A 5 3.70 10.34 3.35
N ALA A 6 4.64 11.07 2.76
CA ALA A 6 4.69 11.24 1.29
C ALA A 6 5.01 9.92 0.60
N CYS A 7 5.92 9.17 1.20
CA CYS A 7 6.28 7.84 0.69
C CYS A 7 5.05 6.92 0.67
N PHE A 8 4.25 6.93 1.75
CA PHE A 8 3.07 6.08 1.79
C PHE A 8 2.11 6.47 0.66
N GLU A 9 1.96 7.78 0.40
CA GLU A 9 1.01 8.22 -0.65
C GLU A 9 1.48 7.82 -2.04
N ARG A 10 2.75 8.06 -2.34
CA ARG A 10 3.30 7.68 -3.63
C ARG A 10 3.18 6.17 -3.86
N CYS A 11 3.47 5.38 -2.81
CA CYS A 11 3.50 3.91 -2.96
C CYS A 11 2.13 3.28 -2.91
N HIS A 12 1.15 3.90 -2.20
CA HIS A 12 -0.11 3.20 -1.97
C HIS A 12 -1.38 3.87 -2.45
N MET A 13 -1.38 5.15 -2.77
CA MET A 13 -2.64 5.78 -3.13
C MET A 13 -2.91 5.80 -4.61
N ASP A 14 -4.10 5.38 -5.01
CA ASP A 14 -4.48 5.49 -6.42
C ASP A 14 -5.98 5.74 -6.46
N SER A 15 -6.40 6.91 -6.00
CA SER A 15 -7.80 7.28 -5.86
C SER A 15 -8.62 7.12 -7.13
N SER B 3 1.35 -2.95 -20.82
CA SER B 3 1.62 -3.87 -19.69
C SER B 3 0.45 -3.86 -18.68
N ASN B 4 0.47 -4.82 -17.72
CA ASN B 4 -0.60 -4.90 -16.72
C ASN B 4 -0.52 -3.70 -15.76
N TYR B 5 -1.60 -3.43 -15.04
CA TYR B 5 -1.68 -2.31 -14.11
C TYR B 5 -0.55 -2.31 -13.12
N CYS B 6 -0.23 -3.49 -12.53
CA CYS B 6 0.87 -3.54 -11.58
C CYS B 6 2.20 -3.16 -12.17
N ASN B 7 2.55 -3.74 -13.33
CA ASN B 7 3.84 -3.37 -13.93
C ASN B 7 3.89 -1.87 -14.22
N GLN B 8 2.79 -1.32 -14.76
CA GLN B 8 2.65 0.09 -15.14
CA GLN B 8 2.78 0.09 -15.14
C GLN B 8 2.79 1.04 -13.92
N MET B 9 1.96 0.78 -12.89
CA MET B 9 1.89 1.63 -11.71
C MET B 9 3.09 1.50 -10.82
N MET B 10 3.66 0.29 -10.70
CA MET B 10 4.88 0.08 -9.90
CA MET B 10 4.85 0.20 -9.88
C MET B 10 6.04 0.92 -10.48
N LYS B 11 6.11 0.98 -11.82
CA LYS B 11 7.16 1.74 -12.46
C LYS B 11 6.84 3.24 -12.32
N SER B 12 5.61 3.65 -12.69
CA SER B 12 5.19 5.07 -12.61
CA SER B 12 5.25 5.07 -12.63
C SER B 12 5.44 5.65 -11.23
N ARG B 13 5.09 4.91 -10.18
CA ARG B 13 5.23 5.36 -8.80
C ARG B 13 6.61 5.16 -8.21
N ASN B 14 7.64 4.85 -9.05
CA ASN B 14 9.01 4.74 -8.56
C ASN B 14 9.22 3.67 -7.52
N LEU B 15 8.63 2.51 -7.76
CA LEU B 15 8.86 1.35 -6.89
CA LEU B 15 8.88 1.36 -6.90
C LEU B 15 9.76 0.39 -7.63
N THR B 16 9.65 0.35 -8.99
CA THR B 16 10.43 -0.56 -9.82
C THR B 16 11.31 0.07 -10.89
N LYS B 17 11.57 1.40 -10.79
CA LYS B 17 12.51 2.01 -11.72
C LYS B 17 13.94 1.65 -11.35
N ASP B 18 14.21 1.41 -10.05
CA ASP B 18 15.55 1.13 -9.54
C ASP B 18 15.73 -0.23 -8.85
N ARG B 19 14.67 -1.09 -8.84
CA ARG B 19 14.66 -2.44 -8.23
C ARG B 19 13.34 -3.11 -8.56
N CYS B 20 13.16 -4.36 -8.13
CA CYS B 20 11.82 -4.99 -8.16
C CYS B 20 11.43 -5.22 -6.71
N LYS B 21 10.31 -4.63 -6.32
CA LYS B 21 9.78 -4.76 -4.97
CA LYS B 21 9.75 -4.73 -4.97
C LYS B 21 8.85 -5.97 -4.95
N PRO B 22 9.05 -6.96 -4.05
CA PRO B 22 8.21 -8.16 -4.09
C PRO B 22 6.70 -7.93 -4.01
N VAL B 23 6.24 -7.06 -3.09
CA VAL B 23 4.80 -6.92 -2.84
C VAL B 23 4.43 -5.47 -2.60
N ASN B 24 3.33 -5.00 -3.17
CA ASN B 24 2.85 -3.64 -2.91
C ASN B 24 1.38 -3.55 -3.19
N THR B 25 0.65 -2.83 -2.35
CA THR B 25 -0.77 -2.65 -2.51
C THR B 25 -1.12 -1.19 -2.85
N PHE B 26 -2.05 -1.00 -3.79
CA PHE B 26 -2.59 0.30 -4.13
C PHE B 26 -4.06 0.37 -3.68
N VAL B 27 -4.47 1.51 -3.13
CA VAL B 27 -5.82 1.73 -2.60
C VAL B 27 -6.58 2.70 -3.46
N HIS B 28 -7.73 2.25 -3.94
CA HIS B 28 -8.57 3.05 -4.82
C HIS B 28 -9.68 3.76 -4.04
N GLU B 29 -9.25 4.63 -3.11
CA GLU B 29 -10.14 5.44 -2.28
C GLU B 29 -9.52 6.83 -2.21
N SER B 30 -10.30 7.85 -1.78
CA SER B 30 -9.68 9.16 -1.70
C SER B 30 -8.59 9.16 -0.62
N LEU B 31 -7.61 10.07 -0.77
CA LEU B 31 -6.57 10.20 0.24
C LEU B 31 -7.21 10.46 1.59
N ALA B 32 -8.18 11.37 1.64
CA ALA B 32 -8.82 11.70 2.91
C ALA B 32 -9.53 10.50 3.57
N ASP B 33 -10.13 9.61 2.76
CA ASP B 33 -10.77 8.41 3.33
C ASP B 33 -9.74 7.40 3.86
N VAL B 34 -8.52 7.40 3.32
CA VAL B 34 -7.45 6.53 3.83
C VAL B 34 -6.85 7.16 5.11
N GLN B 35 -6.62 8.48 5.08
CA GLN B 35 -6.10 9.16 6.26
C GLN B 35 -7.07 8.99 7.44
N ALA B 36 -8.37 8.89 7.14
CA ALA B 36 -9.41 8.72 8.16
C ALA B 36 -9.24 7.40 8.94
N VAL B 37 -8.50 6.41 8.38
CA VAL B 37 -8.32 5.15 9.09
C VAL B 37 -7.47 5.30 10.37
N CYS B 38 -6.61 6.33 10.46
CA CYS B 38 -5.77 6.53 11.66
C CYS B 38 -6.58 6.81 12.93
N SER B 39 -7.90 7.04 12.79
CA SER B 39 -8.75 7.24 13.96
C SER B 39 -9.83 6.16 14.01
N GLN B 40 -9.62 5.05 13.30
CA GLN B 40 -10.53 3.90 13.28
C GLN B 40 -10.13 2.84 14.30
N LYS B 41 -10.18 1.55 13.99
CA LYS B 41 -9.93 0.47 14.97
CA LYS B 41 -9.92 0.53 15.01
C LYS B 41 -8.46 0.27 15.29
N ASN B 42 -8.01 0.59 16.51
CA ASN B 42 -6.62 0.38 16.91
C ASN B 42 -6.35 -1.12 17.07
N VAL B 43 -5.35 -1.61 16.33
CA VAL B 43 -4.96 -3.02 16.35
C VAL B 43 -3.45 -3.11 16.49
N ALA B 44 -2.95 -4.28 16.88
CA ALA B 44 -1.50 -4.48 16.90
C ALA B 44 -0.96 -4.55 15.46
N CYS B 45 0.27 -4.06 15.24
CA CYS B 45 0.95 -4.18 13.95
C CYS B 45 1.58 -5.57 13.92
N LYS B 46 1.93 -6.07 12.73
CA LYS B 46 2.62 -7.37 12.60
C LYS B 46 3.92 -7.44 13.45
N ASN B 47 4.62 -6.30 13.62
CA ASN B 47 5.88 -6.15 14.35
C ASN B 47 5.74 -5.99 15.88
N GLY B 48 4.51 -6.03 16.38
CA GLY B 48 4.24 -5.90 17.80
C GLY B 48 3.89 -4.50 18.26
N GLN B 49 4.24 -3.45 17.46
CA GLN B 49 3.90 -2.07 17.81
C GLN B 49 2.38 -1.93 17.84
N THR B 50 1.89 -0.91 18.53
CA THR B 50 0.46 -0.66 18.75
CA THR B 50 0.44 -0.70 18.69
C THR B 50 -0.11 0.56 18.01
N ASN B 51 0.62 1.09 16.99
CA ASN B 51 0.20 2.27 16.24
C ASN B 51 -0.47 1.89 14.90
N CYS B 52 -1.10 0.69 14.85
CA CYS B 52 -1.85 0.25 13.67
C CYS B 52 -3.35 0.41 13.81
N TYR B 53 -4.04 0.60 12.66
CA TYR B 53 -5.46 0.85 12.61
C TYR B 53 -6.08 0.12 11.45
N GLN B 54 -7.23 -0.55 11.71
CA GLN B 54 -7.98 -1.26 10.70
C GLN B 54 -9.21 -0.48 10.32
N SER B 55 -9.49 -0.39 9.00
CA SER B 55 -10.67 0.31 8.52
C SER B 55 -11.94 -0.43 8.87
N TYR B 56 -12.98 0.31 9.26
CA TYR B 56 -14.28 -0.32 9.49
C TYR B 56 -14.82 -0.96 8.22
N SER B 57 -14.64 -0.25 7.06
CA SER B 57 -15.16 -0.74 5.79
CA SER B 57 -15.16 -0.75 5.81
C SER B 57 -14.13 -1.47 4.99
N THR B 58 -14.62 -2.22 3.98
CA THR B 58 -13.74 -2.82 3.00
C THR B 58 -13.47 -1.67 2.00
N MET B 59 -12.30 -1.65 1.41
CA MET B 59 -11.89 -0.66 0.42
C MET B 59 -11.44 -1.37 -0.83
N SER B 60 -11.53 -0.68 -1.98
CA SER B 60 -11.10 -1.22 -3.27
C SER B 60 -9.57 -1.18 -3.28
N ILE B 61 -8.93 -2.32 -3.43
CA ILE B 61 -7.48 -2.41 -3.44
C ILE B 61 -6.96 -3.31 -4.56
N THR B 62 -5.75 -3.04 -5.02
CA THR B 62 -5.07 -3.88 -5.98
C THR B 62 -3.79 -4.33 -5.34
N ASP B 63 -3.62 -5.65 -5.26
CA ASP B 63 -2.38 -6.21 -4.75
CA ASP B 63 -2.38 -6.24 -4.75
C ASP B 63 -1.48 -6.53 -5.93
N CYS B 64 -0.22 -6.17 -5.82
CA CYS B 64 0.79 -6.41 -6.83
C CYS B 64 1.81 -7.31 -6.23
N ARG B 65 2.07 -8.47 -6.87
CA ARG B 65 3.09 -9.35 -6.31
C ARG B 65 3.95 -9.89 -7.43
N GLU B 66 5.27 -9.86 -7.22
CA GLU B 66 6.19 -10.34 -8.24
C GLU B 66 5.96 -11.81 -8.54
N THR B 67 6.18 -12.18 -9.80
CA THR B 67 6.14 -13.60 -10.18
C THR B 67 7.43 -14.26 -9.63
N GLY B 68 7.47 -15.60 -9.64
CA GLY B 68 8.64 -16.32 -9.14
C GLY B 68 9.93 -16.08 -9.92
N SER B 69 9.82 -15.77 -11.20
CA SER B 69 11.00 -15.58 -12.06
C SER B 69 11.34 -14.10 -12.26
N SER B 70 10.49 -13.19 -11.76
CA SER B 70 10.72 -11.75 -11.95
C SER B 70 12.07 -11.32 -11.39
N LYS B 71 12.82 -10.54 -12.18
CA LYS B 71 14.07 -9.95 -11.71
C LYS B 71 14.34 -8.68 -12.49
N TYR B 72 15.02 -7.75 -11.83
CA TYR B 72 15.37 -6.44 -12.38
C TYR B 72 16.23 -6.59 -13.63
N PRO B 73 15.99 -5.83 -14.71
CA PRO B 73 15.01 -4.73 -14.86
C PRO B 73 13.61 -5.10 -15.32
N ASN B 74 13.41 -6.34 -15.73
CA ASN B 74 12.14 -6.81 -16.26
C ASN B 74 11.24 -7.31 -15.15
N CYS B 75 10.85 -6.42 -14.22
CA CYS B 75 9.98 -6.81 -13.13
C CYS B 75 8.66 -7.32 -13.72
N ALA B 76 8.09 -8.34 -13.13
CA ALA B 76 6.82 -8.86 -13.63
C ALA B 76 5.94 -9.10 -12.46
N TYR B 77 4.71 -8.61 -12.54
CA TYR B 77 3.75 -8.70 -11.46
C TYR B 77 2.48 -9.40 -11.80
N LYS B 78 1.93 -10.03 -10.78
CA LYS B 78 0.60 -10.64 -10.79
CA LYS B 78 0.60 -10.62 -10.79
C LYS B 78 -0.30 -9.58 -10.13
N THR B 79 -1.41 -9.22 -10.78
CA THR B 79 -2.35 -8.21 -10.30
C THR B 79 -3.60 -8.90 -9.72
N THR B 80 -3.96 -8.61 -8.46
CA THR B 80 -5.16 -9.20 -7.86
C THR B 80 -6.01 -8.06 -7.29
N GLN B 81 -7.24 -7.91 -7.75
CA GLN B 81 -8.14 -6.84 -7.30
C GLN B 81 -9.09 -7.41 -6.28
N ALA B 82 -9.34 -6.66 -5.20
CA ALA B 82 -10.24 -7.13 -4.15
C ALA B 82 -10.82 -5.99 -3.36
N ASN B 83 -11.88 -6.25 -2.59
CA ASN B 83 -12.45 -5.31 -1.65
C ASN B 83 -12.14 -5.86 -0.27
N LYS B 84 -11.22 -5.21 0.47
CA LYS B 84 -10.80 -5.66 1.80
CA LYS B 84 -10.77 -5.66 1.79
C LYS B 84 -10.61 -4.50 2.76
N HIS B 85 -10.64 -4.80 4.06
CA HIS B 85 -10.38 -3.78 5.05
C HIS B 85 -8.87 -3.54 5.00
N ILE B 86 -8.41 -2.34 5.25
CA ILE B 86 -6.98 -2.07 5.25
C ILE B 86 -6.47 -1.85 6.67
N ILE B 87 -5.18 -2.15 6.91
CA ILE B 87 -4.52 -1.94 8.19
C ILE B 87 -3.29 -1.07 7.89
N VAL B 88 -3.23 0.11 8.48
CA VAL B 88 -2.13 1.05 8.30
C VAL B 88 -1.48 1.39 9.62
N ALA B 89 -0.19 1.70 9.59
CA ALA B 89 0.51 2.22 10.76
C ALA B 89 0.52 3.74 10.62
N CYS B 90 0.21 4.44 11.71
CA CYS B 90 0.13 5.91 11.71
C CYS B 90 1.15 6.55 12.64
N GLU B 91 1.59 7.75 12.27
CA GLU B 91 2.59 8.48 13.05
C GLU B 91 2.51 9.96 12.73
N GLY B 92 2.97 10.76 13.69
CA GLY B 92 3.16 12.20 13.53
C GLY B 92 2.03 13.13 13.94
N ASN B 93 2.25 14.43 13.62
CA ASN B 93 1.34 15.55 13.82
C ASN B 93 1.28 16.36 12.50
N PRO B 94 0.25 16.17 11.64
CA PRO B 94 -0.94 15.32 11.84
C PRO B 94 -0.65 13.82 11.85
N TYR B 95 -1.52 13.05 12.51
CA TYR B 95 -1.40 11.60 12.70
C TYR B 95 -1.93 10.95 11.45
N VAL B 96 -1.00 10.49 10.58
CA VAL B 96 -1.29 10.04 9.24
C VAL B 96 -0.66 8.69 8.92
N PRO B 97 -1.12 8.04 7.85
CA PRO B 97 -0.55 6.73 7.48
C PRO B 97 0.91 6.88 7.05
N VAL B 98 1.74 5.99 7.57
CA VAL B 98 3.18 5.95 7.21
C VAL B 98 3.59 4.57 6.68
N HIS B 99 2.76 3.52 6.88
CA HIS B 99 3.07 2.20 6.35
C HIS B 99 1.77 1.47 6.08
N PHE B 100 1.77 0.61 5.08
CA PHE B 100 0.63 -0.23 4.74
C PHE B 100 0.95 -1.59 5.37
N ASP B 101 0.25 -1.97 6.46
CA ASP B 101 0.58 -3.20 7.18
C ASP B 101 0.01 -4.44 6.54
N ALA B 102 -1.25 -4.40 6.13
CA ALA B 102 -1.96 -5.56 5.60
C ALA B 102 -3.34 -5.18 5.14
N SER B 103 -4.03 -6.13 4.53
CA SER B 103 -5.44 -6.02 4.22
C SER B 103 -6.13 -7.30 4.63
N VAL B 104 -7.40 -7.20 5.06
CA VAL B 104 -8.18 -8.32 5.56
C VAL B 104 -9.59 -8.33 4.98
#